data_1NLI
#
_entry.id   1NLI
#
_cell.length_a   37.928
_cell.length_b   75.299
_cell.length_c   78.650
_cell.angle_alpha   90.00
_cell.angle_beta   90.00
_cell.angle_gamma   90.00
#
_symmetry.space_group_name_H-M   'P 21 21 21'
#
loop_
_entity.id
_entity.type
_entity.pdbx_description
1 polymer 'Ribosome-inactivating protein alpha-trichosanthin'
2 non-polymer ADENINE
3 water water
#
_entity_poly.entity_id   1
_entity_poly.type   'polypeptide(L)'
_entity_poly.pdbx_seq_one_letter_code
;MDVSFRLSGATSSSYGVFISNLRKALPNERKLYDIPLLRSSLPGSQRYALIHLTNYADETISVAIDVTNVYIMGYRAGDT
SYFFNEASATEAAKYVFKDAMRKVTLPYSGNYERLQTAAGKIRENIPLGLPALDSAITTLFYYNANSAASALMVLIQSTS
AAARYKFIEQQIGKRVDKTFLPSLAIISLANSWSALSKQIQIASTNNGQFESPVVLINAQNQRVTITNVDAGVVTSNIAL
LLNRNNMA
;
_entity_poly.pdbx_strand_id   A
#
loop_
_chem_comp.id
_chem_comp.type
_chem_comp.name
_chem_comp.formula
ADE non-polymer ADENINE 'C5 H5 N5'
#
# COMPACT_ATOMS: atom_id res chain seq x y z
N MET A 1 14.27 -6.10 -4.71
CA MET A 1 15.07 -4.88 -4.41
C MET A 1 14.43 -4.02 -3.28
N ASP A 2 15.28 -3.69 -2.31
CA ASP A 2 14.87 -3.03 -1.08
C ASP A 2 14.71 -1.53 -1.30
N VAL A 3 13.88 -0.91 -0.49
CA VAL A 3 13.62 0.52 -0.55
C VAL A 3 13.61 1.07 0.88
N SER A 4 13.86 2.36 1.05
CA SER A 4 13.87 2.97 2.41
C SER A 4 13.36 4.36 2.44
N PHE A 5 12.92 4.74 3.61
CA PHE A 5 12.42 6.07 3.87
C PHE A 5 12.78 6.37 5.29
N ARG A 6 13.37 7.53 5.49
CA ARG A 6 13.74 8.04 6.78
C ARG A 6 12.89 9.25 7.15
N LEU A 7 12.24 9.18 8.30
CA LEU A 7 11.44 10.32 8.76
C LEU A 7 12.24 11.51 9.28
N SER A 8 13.45 11.27 9.78
CA SER A 8 14.26 12.38 10.30
C SER A 8 14.77 13.16 9.10
N GLY A 9 14.41 14.45 9.03
CA GLY A 9 14.79 15.24 7.87
C GLY A 9 13.84 15.10 6.67
N ALA A 10 12.75 14.36 6.82
CA ALA A 10 11.80 14.16 5.71
C ALA A 10 11.16 15.43 5.23
N THR A 11 10.94 15.46 3.92
CA THR A 11 10.20 16.51 3.25
C THR A 11 9.16 15.91 2.31
N SER A 12 8.25 16.71 1.79
CA SER A 12 7.31 16.18 0.78
C SER A 12 8.07 15.61 -0.44
N SER A 13 9.19 16.21 -0.78
CA SER A 13 10.01 15.73 -1.87
C SER A 13 10.70 14.39 -1.56
N SER A 14 11.24 14.20 -0.35
CA SER A 14 11.94 12.94 -0.05
C SER A 14 10.95 11.75 0.03
N TYR A 15 9.70 12.06 0.38
CA TYR A 15 8.65 11.08 0.35
C TYR A 15 8.30 10.70 -1.05
N GLY A 16 8.23 11.72 -1.93
CA GLY A 16 8.05 11.47 -3.34
C GLY A 16 9.14 10.56 -3.89
N VAL A 17 10.38 10.83 -3.51
CA VAL A 17 11.49 9.97 -3.98
C VAL A 17 11.27 8.49 -3.50
N PHE A 18 10.87 8.34 -2.23
CA PHE A 18 10.61 7.03 -1.62
C PHE A 18 9.52 6.29 -2.36
N ILE A 19 8.40 6.93 -2.64
CA ILE A 19 7.32 6.30 -3.39
C ILE A 19 7.69 5.97 -4.84
N SER A 20 8.47 6.82 -5.52
CA SER A 20 8.98 6.47 -6.87
C SER A 20 9.85 5.28 -6.79
N ASN A 21 10.71 5.24 -5.78
CA ASN A 21 11.58 4.10 -5.59
C ASN A 21 10.80 2.79 -5.32
N LEU A 22 9.78 2.88 -4.49
CA LEU A 22 8.92 1.75 -4.26
C LEU A 22 8.25 1.22 -5.54
N ARG A 23 7.64 2.10 -6.34
CA ARG A 23 7.11 1.73 -7.63
C ARG A 23 8.16 1.04 -8.53
N LYS A 24 9.36 1.59 -8.56
CA LYS A 24 10.46 1.02 -9.34
C LYS A 24 10.95 -0.35 -8.91
N ALA A 25 10.72 -0.69 -7.64
CA ALA A 25 11.05 -2.00 -7.09
C ALA A 25 10.12 -3.12 -7.52
N LEU A 26 8.98 -2.77 -8.15
CA LEU A 26 8.00 -3.69 -8.53
C LEU A 26 8.18 -4.10 -9.98
N PRO A 27 8.36 -5.39 -10.24
CA PRO A 27 8.61 -5.84 -11.61
C PRO A 27 7.37 -5.67 -12.48
N ASN A 28 7.59 -5.39 -13.75
CA ASN A 28 6.53 -5.36 -14.74
C ASN A 28 7.20 -5.70 -16.09
N GLU A 29 6.56 -6.51 -16.88
CA GLU A 29 6.98 -6.67 -18.30
C GLU A 29 6.36 -5.66 -19.27
N ARG A 30 5.10 -5.23 -19.02
CA ARG A 30 4.42 -4.24 -19.88
C ARG A 30 3.82 -3.04 -19.12
N LYS A 31 3.51 -2.02 -19.89
CA LYS A 31 2.64 -0.91 -19.46
C LYS A 31 1.37 -0.95 -20.31
N LEU A 32 0.23 -0.61 -19.71
CA LEU A 32 -1.03 -0.43 -20.47
C LEU A 32 -1.40 0.96 -20.20
N TYR A 33 -1.62 1.68 -21.29
CA TYR A 33 -1.82 3.12 -21.23
C TYR A 33 -0.82 3.89 -20.38
N ASP A 34 0.45 3.52 -20.48
CA ASP A 34 1.53 4.11 -19.69
C ASP A 34 1.50 3.85 -18.19
N ILE A 35 0.81 2.81 -17.78
CA ILE A 35 0.74 2.38 -16.37
C ILE A 35 1.38 0.97 -16.24
N PRO A 36 2.36 0.77 -15.36
CA PRO A 36 2.90 -0.58 -15.16
C PRO A 36 1.84 -1.62 -14.82
N LEU A 37 1.89 -2.76 -15.51
CA LEU A 37 1.10 -3.94 -15.20
C LEU A 37 1.93 -4.87 -14.33
N LEU A 38 1.45 -5.16 -13.13
CA LEU A 38 2.21 -6.04 -12.25
C LEU A 38 2.18 -7.47 -12.72
N ARG A 39 3.17 -8.25 -12.29
CA ARG A 39 3.28 -9.64 -12.69
C ARG A 39 2.18 -10.47 -12.04
N SER A 40 1.77 -11.50 -12.75
CA SER A 40 0.76 -12.38 -12.21
C SER A 40 1.35 -13.29 -11.17
N SER A 41 2.56 -13.75 -11.39
CA SER A 41 3.13 -14.74 -10.50
C SER A 41 4.64 -14.63 -10.55
N LEU A 42 5.30 -14.78 -9.42
CA LEU A 42 6.78 -14.74 -9.34
C LEU A 42 7.30 -15.86 -8.44
N PRO A 43 8.45 -16.43 -8.78
CA PRO A 43 9.13 -17.37 -7.89
C PRO A 43 9.31 -16.73 -6.56
N GLY A 44 9.42 -17.56 -5.54
CA GLY A 44 9.62 -17.03 -4.20
C GLY A 44 10.79 -16.11 -4.04
N SER A 45 11.88 -16.42 -4.74
CA SER A 45 13.12 -15.65 -4.57
C SER A 45 13.01 -14.25 -5.24
N GLN A 46 12.01 -14.07 -6.09
CA GLN A 46 11.75 -12.79 -6.78
C GLN A 46 10.52 -12.02 -6.18
N ARG A 47 9.77 -12.66 -5.29
CA ARG A 47 8.37 -12.21 -5.03
C ARG A 47 8.29 -11.17 -3.95
N TYR A 48 9.34 -10.98 -3.18
CA TYR A 48 9.27 -10.09 -2.03
C TYR A 48 10.29 -8.99 -2.06
N ALA A 49 9.93 -7.86 -1.46
CA ALA A 49 10.88 -6.76 -1.28
C ALA A 49 10.69 -6.21 0.14
N LEU A 50 11.73 -5.59 0.69
CA LEU A 50 11.69 -4.96 1.99
C LEU A 50 11.69 -3.41 1.87
N ILE A 51 10.85 -2.77 2.67
CA ILE A 51 10.80 -1.34 2.81
C ILE A 51 11.35 -1.08 4.22
N HIS A 52 12.44 -0.36 4.29
CA HIS A 52 13.04 -0.06 5.58
C HIS A 52 12.54 1.30 6.03
N LEU A 53 11.90 1.38 7.20
CA LEU A 53 11.40 2.66 7.64
C LEU A 53 12.06 3.04 8.96
N THR A 54 12.54 4.28 9.07
CA THR A 54 13.18 4.78 10.30
C THR A 54 12.44 6.02 10.76
N ASN A 55 11.98 6.02 12.01
CA ASN A 55 11.23 7.13 12.56
C ASN A 55 12.10 8.30 13.02
N TYR A 56 11.48 9.36 13.51
CA TYR A 56 12.18 10.51 14.01
C TYR A 56 13.22 10.19 15.08
N ALA A 57 12.96 9.16 15.86
CA ALA A 57 13.82 8.80 16.98
C ALA A 57 14.85 7.77 16.53
N ASP A 58 15.03 7.60 15.23
CA ASP A 58 16.02 6.65 14.71
C ASP A 58 15.74 5.18 15.03
N GLU A 59 14.46 4.82 15.18
CA GLU A 59 14.07 3.45 15.36
C GLU A 59 13.60 2.87 14.04
N THR A 60 14.03 1.69 13.67
CA THR A 60 13.74 1.17 12.33
C THR A 60 12.88 -0.13 12.32
N ILE A 61 11.98 -0.23 11.37
CA ILE A 61 11.32 -1.51 11.08
C ILE A 61 11.53 -1.80 9.63
N SER A 62 11.40 -3.06 9.28
CA SER A 62 11.46 -3.52 7.92
C SER A 62 10.12 -4.12 7.57
N VAL A 63 9.53 -3.75 6.44
CA VAL A 63 8.19 -4.16 6.08
C VAL A 63 8.29 -4.99 4.81
N ALA A 64 7.82 -6.24 4.85
CA ALA A 64 7.84 -7.12 3.67
C ALA A 64 6.60 -6.93 2.81
N ILE A 65 6.81 -6.77 1.51
CA ILE A 65 5.72 -6.73 0.57
C ILE A 65 5.90 -7.79 -0.52
N ASP A 66 4.78 -8.27 -1.02
CA ASP A 66 4.68 -9.11 -2.18
C ASP A 66 4.63 -8.13 -3.36
N VAL A 67 5.64 -8.21 -4.21
CA VAL A 67 5.81 -7.26 -5.34
C VAL A 67 4.86 -7.51 -6.53
N THR A 68 4.10 -8.60 -6.51
CA THR A 68 2.99 -8.80 -7.50
C THR A 68 1.74 -8.00 -7.21
N ASN A 69 1.53 -7.65 -5.94
CA ASN A 69 0.33 -6.90 -5.59
C ASN A 69 0.47 -5.78 -4.59
N VAL A 70 1.72 -5.50 -4.18
CA VAL A 70 2.09 -4.52 -3.19
C VAL A 70 1.56 -4.77 -1.75
N TYR A 71 1.08 -5.98 -1.48
CA TYR A 71 0.47 -6.28 -0.20
C TYR A 71 1.56 -6.43 0.87
N ILE A 72 1.37 -5.74 1.97
CA ILE A 72 2.15 -5.97 3.17
C ILE A 72 1.87 -7.37 3.74
N MET A 73 2.95 -8.16 3.89
CA MET A 73 2.88 -9.51 4.46
C MET A 73 3.07 -9.43 5.96
N GLY A 74 3.89 -8.47 6.39
CA GLY A 74 4.31 -8.38 7.76
C GLY A 74 5.51 -7.48 7.95
N TYR A 75 6.10 -7.46 9.15
CA TYR A 75 7.21 -6.57 9.43
C TYR A 75 8.10 -7.17 10.49
N ARG A 76 9.31 -6.63 10.59
CA ARG A 76 10.28 -7.01 11.57
C ARG A 76 10.65 -5.83 12.41
N ALA A 77 10.82 -6.03 13.71
CA ALA A 77 11.35 -5.04 14.60
C ALA A 77 12.35 -5.72 15.47
N GLY A 78 13.62 -5.40 15.29
CA GLY A 78 14.62 -6.07 16.04
C GLY A 78 14.66 -7.55 15.73
N ASP A 79 14.49 -8.34 16.77
CA ASP A 79 14.62 -9.80 16.71
C ASP A 79 13.25 -10.49 16.53
N THR A 80 12.15 -9.73 16.38
CA THR A 80 10.83 -10.29 16.25
C THR A 80 10.21 -9.95 14.89
N SER A 81 9.56 -10.95 14.27
CA SER A 81 8.80 -10.75 13.04
C SER A 81 7.34 -10.86 13.37
N TYR A 82 6.53 -10.10 12.62
CA TYR A 82 5.07 -10.10 12.79
C TYR A 82 4.49 -10.35 11.41
N PHE A 83 3.70 -11.42 11.23
CA PHE A 83 3.05 -11.67 9.95
C PHE A 83 1.55 -11.71 10.15
N PHE A 84 0.84 -11.20 9.16
CA PHE A 84 -0.59 -11.38 9.06
C PHE A 84 -0.99 -12.86 9.04
N ASN A 85 -2.17 -13.13 9.58
CA ASN A 85 -2.70 -14.49 9.65
C ASN A 85 -3.48 -14.71 8.35
N GLU A 86 -2.77 -15.18 7.35
CA GLU A 86 -3.32 -15.49 6.04
C GLU A 86 -2.29 -16.26 5.22
N ALA A 87 -2.79 -16.93 4.19
CA ALA A 87 -1.98 -17.86 3.39
C ALA A 87 -0.73 -17.20 2.77
N SER A 88 -0.93 -16.03 2.16
CA SER A 88 0.13 -15.28 1.52
C SER A 88 1.25 -14.98 2.49
N ALA A 89 0.91 -14.61 3.72
CA ALA A 89 1.93 -14.21 4.67
C ALA A 89 2.68 -15.43 5.23
N THR A 90 1.98 -16.55 5.33
CA THR A 90 2.58 -17.83 5.75
C THR A 90 3.63 -18.27 4.78
N GLU A 91 3.32 -18.16 3.49
CA GLU A 91 4.29 -18.39 2.44
C GLU A 91 5.47 -17.36 2.50
N ALA A 92 5.17 -16.06 2.65
CA ALA A 92 6.23 -15.06 2.76
C ALA A 92 7.20 -15.38 3.89
N ALA A 93 6.67 -15.92 5.00
CA ALA A 93 7.53 -16.16 6.18
C ALA A 93 8.60 -17.24 5.94
N LYS A 94 8.46 -18.01 4.88
CA LYS A 94 9.51 -18.94 4.51
C LYS A 94 10.63 -18.25 3.76
N TYR A 95 10.40 -17.01 3.28
CA TYR A 95 11.39 -16.28 2.52
C TYR A 95 11.97 -15.03 3.15
N VAL A 96 11.22 -14.30 3.98
CA VAL A 96 11.74 -13.09 4.57
C VAL A 96 11.81 -13.25 6.10
N PHE A 97 12.70 -12.50 6.69
CA PHE A 97 12.88 -12.37 8.16
C PHE A 97 13.26 -13.71 8.79
N LYS A 98 14.01 -14.51 8.05
CA LYS A 98 14.20 -15.89 8.41
C LYS A 98 15.00 -16.06 9.70
N ASP A 99 15.92 -15.15 9.99
CA ASP A 99 16.70 -15.25 11.19
C ASP A 99 16.15 -14.50 12.42
N ALA A 100 14.93 -13.97 12.32
CA ALA A 100 14.25 -13.46 13.52
C ALA A 100 14.13 -14.59 14.56
N MET A 101 14.44 -14.26 15.80
CA MET A 101 14.33 -15.23 16.85
C MET A 101 12.93 -15.60 17.27
N ARG A 102 12.05 -14.60 17.35
CA ARG A 102 10.65 -14.79 17.71
C ARG A 102 9.77 -14.42 16.52
N LYS A 103 8.71 -15.20 16.26
CA LYS A 103 7.78 -14.90 15.18
C LYS A 103 6.39 -14.83 15.73
N VAL A 104 5.72 -13.69 15.56
CA VAL A 104 4.38 -13.48 16.07
C VAL A 104 3.50 -13.52 14.83
N THR A 105 2.41 -14.31 14.88
CA THR A 105 1.41 -14.27 13.85
C THR A 105 0.30 -13.39 14.43
N LEU A 106 0.05 -12.26 13.77
CA LEU A 106 -1.00 -11.32 14.18
C LEU A 106 -2.35 -12.04 14.11
N PRO A 107 -3.32 -11.61 14.93
CA PRO A 107 -4.63 -12.24 14.98
C PRO A 107 -5.62 -11.81 13.92
N TYR A 108 -5.16 -11.37 12.76
CA TYR A 108 -6.01 -10.97 11.66
C TYR A 108 -5.20 -11.07 10.40
N SER A 109 -5.91 -11.18 9.29
CA SER A 109 -5.32 -10.95 7.96
C SER A 109 -5.06 -9.47 7.74
N GLY A 110 -4.42 -9.12 6.63
CA GLY A 110 -4.20 -7.73 6.34
C GLY A 110 -5.30 -7.11 5.51
N ASN A 111 -6.51 -7.64 5.59
CA ASN A 111 -7.69 -7.13 4.87
C ASN A 111 -8.25 -5.90 5.66
N TYR A 112 -8.66 -4.85 4.95
CA TYR A 112 -9.11 -3.62 5.61
C TYR A 112 -10.32 -3.87 6.55
N GLU A 113 -11.22 -4.77 6.19
CA GLU A 113 -12.39 -4.96 7.07
C GLU A 113 -11.97 -5.59 8.40
N ARG A 114 -11.07 -6.54 8.32
CA ARG A 114 -10.47 -7.15 9.50
C ARG A 114 -9.68 -6.16 10.37
N LEU A 115 -8.82 -5.36 9.74
CA LEU A 115 -8.05 -4.30 10.39
C LEU A 115 -8.88 -3.24 11.12
N GLN A 116 -9.93 -2.75 10.46
CA GLN A 116 -10.78 -1.78 11.08
C GLN A 116 -11.56 -2.34 12.28
N THR A 117 -12.05 -3.57 12.16
CA THR A 117 -12.63 -4.28 13.29
C THR A 117 -11.68 -4.37 14.43
N ALA A 118 -10.46 -4.78 14.13
CA ALA A 118 -9.38 -4.91 15.12
C ALA A 118 -9.00 -3.58 15.75
N ALA A 119 -9.03 -2.49 14.99
CA ALA A 119 -8.66 -1.16 15.49
C ALA A 119 -9.79 -0.49 16.22
N GLY A 120 -11.02 -0.92 16.00
CA GLY A 120 -12.16 -0.21 16.58
C GLY A 120 -12.43 1.13 15.93
N LYS A 121 -11.99 1.29 14.69
CA LYS A 121 -12.04 2.58 14.01
C LYS A 121 -12.01 2.40 12.49
N ILE A 122 -12.73 3.27 11.75
CA ILE A 122 -12.69 3.28 10.30
C ILE A 122 -11.52 4.12 9.76
N ARG A 123 -11.09 3.84 8.54
CA ARG A 123 -9.98 4.57 7.94
C ARG A 123 -10.12 6.09 7.98
N GLU A 124 -11.35 6.59 7.70
CA GLU A 124 -11.59 8.04 7.70
C GLU A 124 -11.30 8.71 9.06
N ASN A 125 -11.24 7.94 10.14
CA ASN A 125 -10.95 8.55 11.45
C ASN A 125 -9.55 8.30 11.92
N ILE A 126 -8.74 7.70 11.06
CA ILE A 126 -7.33 7.44 11.43
C ILE A 126 -6.38 8.44 10.74
N PRO A 127 -5.67 9.28 11.50
CA PRO A 127 -4.77 10.23 10.86
C PRO A 127 -3.68 9.64 9.94
N LEU A 128 -3.46 10.35 8.85
CA LEU A 128 -2.36 10.16 7.97
C LEU A 128 -1.48 11.40 7.82
N GLY A 129 -0.46 11.29 7.00
CA GLY A 129 0.61 12.26 6.93
C GLY A 129 1.91 11.75 7.50
N LEU A 130 3.01 12.47 7.22
CA LEU A 130 4.31 12.03 7.71
C LEU A 130 4.42 11.83 9.20
N PRO A 131 3.94 12.75 10.04
CA PRO A 131 4.01 12.50 11.48
C PRO A 131 3.17 11.28 11.91
N ALA A 132 2.10 10.95 11.18
CA ALA A 132 1.35 9.77 11.46
C ALA A 132 2.16 8.48 11.13
N LEU A 133 2.99 8.54 10.10
CA LEU A 133 3.83 7.41 9.72
C LEU A 133 4.90 7.26 10.75
N ASP A 134 5.44 8.37 11.24
CA ASP A 134 6.35 8.32 12.37
C ASP A 134 5.69 7.60 13.55
N SER A 135 4.51 8.03 13.99
CA SER A 135 3.86 7.34 15.10
C SER A 135 3.54 5.87 14.84
N ALA A 136 3.16 5.51 13.61
CA ALA A 136 2.87 4.11 13.27
C ALA A 136 4.17 3.28 13.42
N ILE A 137 5.30 3.81 12.98
CA ILE A 137 6.59 3.12 13.13
C ILE A 137 6.87 2.85 14.57
N THR A 138 6.78 3.90 15.39
CA THR A 138 6.96 3.74 16.86
C THR A 138 6.01 2.67 17.48
N THR A 139 4.74 2.77 17.15
CA THR A 139 3.75 1.87 17.66
C THR A 139 4.06 0.45 17.31
N LEU A 140 4.48 0.19 16.06
CA LEU A 140 4.80 -1.19 15.67
C LEU A 140 6.16 -1.68 16.18
N PHE A 141 7.09 -0.76 16.33
CA PHE A 141 8.45 -1.11 16.81
C PHE A 141 8.38 -1.58 18.28
N TYR A 142 7.53 -0.92 19.07
CA TYR A 142 7.19 -1.34 20.44
C TYR A 142 5.84 -2.00 20.49
N TYR A 143 5.69 -3.14 19.82
CA TYR A 143 4.39 -3.72 19.49
C TYR A 143 3.49 -3.77 20.70
N ASN A 144 2.27 -3.36 20.47
CA ASN A 144 1.25 -3.34 21.48
C ASN A 144 -0.02 -3.77 20.75
N ALA A 145 -0.53 -4.91 21.12
CA ALA A 145 -1.62 -5.57 20.47
C ALA A 145 -2.79 -4.66 20.17
N ASN A 146 -3.16 -3.82 21.15
CA ASN A 146 -4.34 -2.96 21.06
C ASN A 146 -4.14 -1.77 20.14
N SER A 147 -2.92 -1.49 19.75
CA SER A 147 -2.64 -0.30 18.89
C SER A 147 -2.13 -0.68 17.46
N ALA A 148 -1.81 -1.93 17.25
CA ALA A 148 -1.09 -2.33 16.07
C ALA A 148 -1.94 -2.27 14.76
N ALA A 149 -3.25 -2.58 14.86
CA ALA A 149 -4.07 -2.63 13.64
C ALA A 149 -4.19 -1.24 13.05
N SER A 150 -4.40 -0.22 13.90
CA SER A 150 -4.54 1.14 13.39
C SER A 150 -3.19 1.55 12.70
N ALA A 151 -2.06 1.22 13.33
CA ALA A 151 -0.74 1.54 12.82
C ALA A 151 -0.48 0.85 11.48
N LEU A 152 -0.94 -0.38 11.33
CA LEU A 152 -0.76 -1.13 10.10
C LEU A 152 -1.61 -0.52 9.01
N MET A 153 -2.74 0.06 9.36
CA MET A 153 -3.53 0.74 8.33
C MET A 153 -2.86 2.04 7.89
N VAL A 154 -2.22 2.77 8.80
CA VAL A 154 -1.42 3.94 8.40
C VAL A 154 -0.25 3.46 7.52
N LEU A 155 0.41 2.37 7.90
CA LEU A 155 1.50 1.89 7.09
C LEU A 155 1.04 1.54 5.65
N ILE A 156 -0.05 0.83 5.54
CA ILE A 156 -0.53 0.34 4.25
C ILE A 156 -0.83 1.52 3.31
N GLN A 157 -1.53 2.51 3.85
CA GLN A 157 -1.93 3.66 3.11
C GLN A 157 -0.75 4.52 2.74
N SER A 158 0.28 4.51 3.57
CA SER A 158 1.44 5.37 3.39
C SER A 158 2.52 4.77 2.43
N THR A 159 2.33 3.51 2.08
CA THR A 159 3.28 2.81 1.25
C THR A 159 2.52 2.25 0.10
N SER A 160 1.90 1.11 0.27
CA SER A 160 1.18 0.44 -0.81
C SER A 160 0.20 1.32 -1.53
N ALA A 161 -0.68 1.99 -0.79
CA ALA A 161 -1.71 2.77 -1.45
C ALA A 161 -1.12 3.95 -2.18
N ALA A 162 -0.11 4.57 -1.58
CA ALA A 162 0.55 5.67 -2.21
C ALA A 162 1.22 5.24 -3.47
N ALA A 163 1.82 4.07 -3.45
CA ALA A 163 2.49 3.59 -4.67
C ALA A 163 1.47 3.35 -5.81
N ARG A 164 0.27 2.92 -5.45
CA ARG A 164 -0.74 2.61 -6.45
C ARG A 164 -1.37 3.87 -7.07
N TYR A 165 -1.42 4.97 -6.33
CA TYR A 165 -2.15 6.15 -6.78
C TYR A 165 -1.40 7.43 -6.49
N LYS A 166 -1.09 8.18 -7.55
CA LYS A 166 -0.41 9.49 -7.39
C LYS A 166 -1.19 10.44 -6.43
N PHE A 167 -2.51 10.37 -6.45
CA PHE A 167 -3.31 11.25 -5.59
C PHE A 167 -3.03 11.00 -4.12
N ILE A 168 -2.93 9.72 -3.75
CA ILE A 168 -2.66 9.33 -2.37
C ILE A 168 -1.23 9.70 -1.96
N GLU A 169 -0.27 9.45 -2.84
CA GLU A 169 1.09 9.90 -2.63
C GLU A 169 1.10 11.40 -2.28
N GLN A 170 0.48 12.19 -3.15
CA GLN A 170 0.52 13.62 -3.05
C GLN A 170 -0.16 14.10 -1.75
N GLN A 171 -1.27 13.47 -1.36
CA GLN A 171 -2.01 13.91 -0.18
C GLN A 171 -1.22 13.58 1.10
N ILE A 172 -0.62 12.40 1.16
CA ILE A 172 0.17 12.04 2.32
C ILE A 172 1.44 12.87 2.46
N GLY A 173 2.17 13.01 1.34
CA GLY A 173 3.46 13.67 1.36
C GLY A 173 3.43 15.13 1.68
N LYS A 174 2.34 15.81 1.34
CA LYS A 174 2.09 17.24 1.59
C LYS A 174 2.08 17.55 3.09
N ARG A 175 1.68 16.55 3.92
CA ARG A 175 1.62 16.72 5.37
C ARG A 175 2.92 16.34 6.03
N VAL A 176 3.86 17.29 6.09
CA VAL A 176 5.19 17.00 6.55
C VAL A 176 5.21 17.18 8.06
N ASP A 177 4.61 18.28 8.51
CA ASP A 177 4.58 18.65 9.94
C ASP A 177 3.17 18.66 10.59
N LYS A 178 2.20 18.16 9.86
CA LYS A 178 0.82 18.09 10.33
C LYS A 178 0.24 16.76 9.85
N THR A 179 -0.97 16.45 10.34
CA THR A 179 -1.67 15.22 9.99
C THR A 179 -3.05 15.59 9.44
N PHE A 180 -3.69 14.63 8.78
CA PHE A 180 -4.99 14.87 8.16
C PHE A 180 -5.79 13.59 8.17
N LEU A 181 -7.11 13.70 8.04
CA LEU A 181 -7.95 12.51 7.85
C LEU A 181 -8.19 12.26 6.37
N PRO A 182 -8.01 11.02 5.91
CA PRO A 182 -8.15 10.78 4.48
C PRO A 182 -9.58 11.09 4.05
N SER A 183 -9.73 11.74 2.91
CA SER A 183 -11.02 11.97 2.29
C SER A 183 -11.61 10.67 1.74
N LEU A 184 -12.88 10.73 1.43
CA LEU A 184 -13.50 9.61 0.75
C LEU A 184 -12.82 9.28 -0.59
N ALA A 185 -12.16 10.26 -1.23
CA ALA A 185 -11.45 9.93 -2.49
C ALA A 185 -10.36 8.87 -2.18
N ILE A 186 -9.68 9.01 -1.05
CA ILE A 186 -8.62 8.08 -0.70
C ILE A 186 -9.20 6.71 -0.38
N ILE A 187 -10.30 6.68 0.37
CA ILE A 187 -10.99 5.46 0.72
C ILE A 187 -11.44 4.76 -0.58
N SER A 188 -12.09 5.52 -1.45
CA SER A 188 -12.64 4.98 -2.70
C SER A 188 -11.56 4.42 -3.64
N LEU A 189 -10.49 5.19 -3.83
CA LEU A 189 -9.40 4.68 -4.63
C LEU A 189 -8.84 3.35 -4.13
N ALA A 190 -8.58 3.28 -2.82
CA ALA A 190 -8.05 2.10 -2.21
C ALA A 190 -9.04 0.98 -2.36
N ASN A 191 -10.34 1.24 -2.18
CA ASN A 191 -11.36 0.20 -2.31
C ASN A 191 -11.39 -0.41 -3.73
N SER A 192 -11.17 0.43 -4.72
CA SER A 192 -11.44 0.07 -6.10
C SER A 192 -10.24 -0.34 -6.91
N TRP A 193 -9.10 -0.47 -6.26
CA TRP A 193 -7.89 -0.72 -7.01
C TRP A 193 -7.99 -1.97 -7.87
N SER A 194 -8.39 -3.09 -7.28
CA SER A 194 -8.55 -4.35 -8.04
C SER A 194 -9.50 -4.20 -9.23
N ALA A 195 -10.65 -3.57 -8.99
CA ALA A 195 -11.68 -3.37 -10.03
C ALA A 195 -11.23 -2.47 -11.14
N LEU A 196 -10.66 -1.31 -10.80
CA LEU A 196 -10.09 -0.44 -11.82
C LEU A 196 -8.99 -1.16 -12.64
N SER A 197 -8.06 -1.84 -11.97
CA SER A 197 -7.03 -2.59 -12.65
C SER A 197 -7.64 -3.54 -13.66
N LYS A 198 -8.65 -4.29 -13.23
CA LYS A 198 -9.27 -5.30 -14.08
C LYS A 198 -9.87 -4.63 -15.30
N GLN A 199 -10.56 -3.50 -15.09
CA GLN A 199 -11.27 -2.82 -16.17
C GLN A 199 -10.30 -2.17 -17.18
N ILE A 200 -9.16 -1.66 -16.72
CA ILE A 200 -8.18 -1.07 -17.63
C ILE A 200 -7.60 -2.18 -18.53
N GLN A 201 -7.41 -3.39 -17.99
CA GLN A 201 -6.89 -4.53 -18.76
C GLN A 201 -7.93 -4.92 -19.80
N ILE A 202 -9.21 -4.95 -19.38
CA ILE A 202 -10.30 -5.28 -20.30
C ILE A 202 -10.38 -4.22 -21.36
N ALA A 203 -10.16 -2.96 -20.96
CA ALA A 203 -10.20 -1.82 -21.90
C ALA A 203 -9.22 -1.98 -23.05
N SER A 204 -8.01 -2.45 -22.71
CA SER A 204 -6.96 -2.71 -23.70
C SER A 204 -7.42 -3.62 -24.82
N THR A 205 -8.43 -4.43 -24.58
CA THR A 205 -8.99 -5.34 -25.58
C THR A 205 -10.32 -4.88 -26.18
N ASN A 206 -10.81 -3.69 -25.80
CA ASN A 206 -12.19 -3.26 -26.02
C ASN A 206 -12.22 -1.76 -26.42
N ASN A 207 -11.19 -1.37 -27.15
CA ASN A 207 -10.96 0.03 -27.56
C ASN A 207 -11.13 1.09 -26.46
N GLY A 208 -10.53 0.79 -25.34
CA GLY A 208 -10.47 1.70 -24.22
C GLY A 208 -11.68 1.80 -23.33
N GLN A 209 -12.70 0.98 -23.56
CA GLN A 209 -13.91 1.03 -22.77
C GLN A 209 -13.90 -0.09 -21.74
N PHE A 210 -14.29 0.25 -20.53
CA PHE A 210 -14.58 -0.73 -19.47
C PHE A 210 -15.76 -1.61 -19.85
N GLU A 211 -15.71 -2.87 -19.40
CA GLU A 211 -16.87 -3.77 -19.52
C GLU A 211 -17.87 -3.53 -18.40
N SER A 212 -17.37 -3.15 -17.23
CA SER A 212 -18.24 -2.74 -16.13
C SER A 212 -17.69 -1.43 -15.51
N PRO A 213 -18.57 -0.47 -15.21
CA PRO A 213 -18.16 0.81 -14.65
C PRO A 213 -17.58 0.69 -13.25
N VAL A 214 -16.76 1.66 -12.90
CA VAL A 214 -16.21 1.73 -11.56
C VAL A 214 -16.75 3.00 -10.90
N VAL A 215 -17.46 2.87 -9.80
CA VAL A 215 -17.95 4.03 -9.11
C VAL A 215 -16.90 4.48 -8.11
N LEU A 216 -16.54 5.75 -8.21
CA LEU A 216 -15.53 6.38 -7.37
C LEU A 216 -16.09 7.60 -6.69
N ILE A 217 -15.40 8.06 -5.67
CA ILE A 217 -15.69 9.36 -5.08
C ILE A 217 -14.48 10.24 -5.35
N ASN A 218 -14.69 11.36 -6.00
CA ASN A 218 -13.57 12.18 -6.50
C ASN A 218 -13.17 13.19 -5.44
N ALA A 219 -12.10 13.94 -5.72
CA ALA A 219 -11.54 14.88 -4.80
C ALA A 219 -12.51 15.99 -4.40
N GLN A 220 -13.54 16.24 -5.20
CA GLN A 220 -14.57 17.18 -4.78
C GLN A 220 -15.74 16.51 -4.10
N ASN A 221 -15.56 15.28 -3.65
CA ASN A 221 -16.61 14.50 -3.02
C ASN A 221 -17.82 14.13 -3.91
N GLN A 222 -17.69 14.27 -5.20
CA GLN A 222 -18.77 13.87 -6.12
C GLN A 222 -18.67 12.34 -6.34
N ARG A 223 -19.81 11.66 -6.37
CA ARG A 223 -19.80 10.23 -6.69
C ARG A 223 -19.84 10.11 -8.20
N VAL A 224 -18.89 9.39 -8.79
CA VAL A 224 -18.75 9.35 -10.27
C VAL A 224 -18.70 7.94 -10.78
N THR A 225 -19.18 7.70 -12.01
CA THR A 225 -19.20 6.39 -12.65
C THR A 225 -18.23 6.42 -13.83
N ILE A 226 -17.10 5.75 -13.66
CA ILE A 226 -15.96 5.83 -14.59
C ILE A 226 -16.07 4.65 -15.55
N THR A 227 -15.90 4.91 -16.84
CA THR A 227 -16.23 3.90 -17.84
C THR A 227 -15.17 3.64 -18.90
N ASN A 228 -14.09 4.38 -18.88
CA ASN A 228 -13.08 4.21 -19.95
C ASN A 228 -11.74 4.82 -19.57
N VAL A 229 -10.75 4.60 -20.42
CA VAL A 229 -9.37 4.96 -20.06
C VAL A 229 -9.02 6.41 -20.25
N ASP A 230 -9.91 7.20 -20.86
CA ASP A 230 -9.75 8.68 -20.91
C ASP A 230 -10.19 9.42 -19.66
N ALA A 231 -10.71 8.71 -18.66
CA ALA A 231 -10.97 9.27 -17.36
C ALA A 231 -9.71 9.72 -16.61
N GLY A 232 -9.83 10.82 -15.87
CA GLY A 232 -8.70 11.34 -15.11
C GLY A 232 -8.08 10.32 -14.17
N VAL A 233 -8.86 9.43 -13.56
CA VAL A 233 -8.26 8.41 -12.66
C VAL A 233 -7.29 7.53 -13.43
N VAL A 234 -7.55 7.36 -14.72
CA VAL A 234 -6.69 6.49 -15.53
C VAL A 234 -5.51 7.28 -16.13
N THR A 235 -5.77 8.46 -16.69
CA THR A 235 -4.75 9.29 -17.28
C THR A 235 -3.75 9.92 -16.30
N SER A 236 -4.22 10.26 -15.12
CA SER A 236 -3.55 11.20 -14.22
C SER A 236 -3.59 10.81 -12.74
N ASN A 237 -3.65 9.52 -12.42
CA ASN A 237 -3.69 9.08 -11.03
C ASN A 237 -3.13 7.70 -10.82
N ILE A 238 -3.80 6.63 -11.27
CA ILE A 238 -3.37 5.27 -10.92
C ILE A 238 -1.96 5.06 -11.47
N ALA A 239 -1.10 4.38 -10.70
CA ALA A 239 0.29 4.23 -11.09
C ALA A 239 0.76 2.81 -11.21
N LEU A 240 -0.10 1.89 -10.85
CA LEU A 240 0.17 0.46 -10.95
C LEU A 240 -1.11 -0.28 -11.22
N LEU A 241 -0.99 -1.35 -11.97
CA LEU A 241 -2.14 -2.20 -12.27
C LEU A 241 -1.98 -3.60 -11.66
N LEU A 242 -2.96 -4.02 -10.86
CA LEU A 242 -3.05 -5.41 -10.40
C LEU A 242 -3.33 -6.34 -11.58
N ASN A 243 -2.49 -7.35 -11.81
CA ASN A 243 -2.72 -8.29 -12.93
C ASN A 243 -4.07 -9.01 -12.81
N ARG A 244 -4.80 -9.15 -13.92
CA ARG A 244 -6.12 -9.77 -13.88
C ARG A 244 -6.08 -11.23 -13.39
N ASN A 245 -4.90 -11.85 -13.51
CA ASN A 245 -4.67 -13.23 -13.09
C ASN A 245 -4.13 -13.35 -11.66
N ASN A 246 -4.32 -12.31 -10.84
CA ASN A 246 -3.78 -12.25 -9.46
C ASN A 246 -4.78 -11.52 -8.60
N MET A 247 -6.07 -11.78 -8.87
CA MET A 247 -7.21 -11.17 -8.16
C MET A 247 -8.19 -12.17 -7.45
N ALA A 248 -8.33 -13.38 -8.03
CA ALA A 248 -9.45 -14.35 -7.88
C ALA A 248 -10.38 -14.35 -9.14
N9 ADE B . -4.93 -3.00 1.17
C8 ADE B . -5.57 -3.68 2.19
N7 ADE B . -4.78 -4.45 2.93
C5 ADE B . -3.53 -4.26 2.37
C6 ADE B . -2.27 -4.75 2.73
N6 ADE B . -2.16 -5.63 3.75
N1 ADE B . -1.20 -4.33 2.00
C2 ADE B . -1.42 -3.49 0.97
N3 ADE B . -2.61 -2.98 0.55
C4 ADE B . -3.61 -3.38 1.29
#